data_6IE7
#
_entry.id   6IE7
#
_cell.length_a   41.472
_cell.length_b   111.338
_cell.length_c   68.144
_cell.angle_alpha   90.000
_cell.angle_beta   90.630
_cell.angle_gamma   90.000
#
_symmetry.space_group_name_H-M   'P 1 21 1'
#
loop_
_entity.id
_entity.type
_entity.pdbx_description
1 polymer 'Agenet domain-containing protein'
2 polymer 'H3K9me2 peptide'
3 non-polymer 'AMMONIUM ION'
4 water water
#
loop_
_entity_poly.entity_id
_entity_poly.type
_entity_poly.pdbx_seq_one_letter_code
_entity_poly.pdbx_strand_id
1 'polypeptide(L)'
;GPLGSNRKRLPSYLKPGSAVEISSDEIGFRGSWYMGKVITIPSSSDKDSVKCQVEYTTLFFDKEGTKPLKEVVDMSQLRP
PAPPMSEIEKKKKIVVGEEVDAFYNDGWWEGDVTEVLDDGKFSVFFRSSKEQIRFRKDELRFHREWVDGAWK
;
A,B,C,D
2 'polypeptide(L)' ARTKQTAR(MLY)ST E,F,G,H
#
loop_
_chem_comp.id
_chem_comp.type
_chem_comp.name
_chem_comp.formula
NH4 non-polymer 'AMMONIUM ION' 'H4 N 1'
#
# COMPACT_ATOMS: atom_id res chain seq x y z
N PRO A 11 -0.90 19.89 -9.96
CA PRO A 11 -0.85 18.59 -10.64
C PRO A 11 -0.26 18.74 -12.03
N SER A 12 0.95 18.22 -12.23
CA SER A 12 1.67 18.40 -13.48
C SER A 12 0.98 17.92 -14.76
N TYR A 13 0.27 16.80 -14.72
CA TYR A 13 -0.32 16.26 -15.95
C TYR A 13 -1.57 17.02 -16.38
N LEU A 14 -2.20 17.73 -15.45
CA LEU A 14 -3.43 18.44 -15.77
C LEU A 14 -3.26 19.77 -16.53
N LYS A 15 -2.15 19.96 -17.23
CA LYS A 15 -1.95 21.24 -17.92
C LYS A 15 -2.63 21.23 -19.29
N PRO A 16 -3.27 22.35 -19.64
CA PRO A 16 -3.97 22.53 -20.92
C PRO A 16 -3.14 22.06 -22.10
N GLY A 17 -3.62 21.06 -22.81
CA GLY A 17 -2.87 20.50 -23.91
C GLY A 17 -2.41 19.11 -23.54
N SER A 18 -2.52 18.78 -22.26
CA SER A 18 -2.01 17.50 -21.79
C SER A 18 -2.90 16.34 -22.19
N ALA A 19 -2.28 15.20 -22.49
CA ALA A 19 -3.02 13.98 -22.82
C ALA A 19 -3.48 13.30 -21.52
N VAL A 20 -4.72 12.85 -21.51
CA VAL A 20 -5.34 12.24 -20.35
C VAL A 20 -6.25 11.10 -20.79
N GLU A 21 -6.46 10.15 -19.89
CA GLU A 21 -7.53 9.20 -20.06
C GLU A 21 -8.69 9.70 -19.22
N ILE A 22 -9.91 9.59 -19.71
CA ILE A 22 -11.08 10.12 -19.03
C ILE A 22 -11.97 9.02 -18.52
N SER A 23 -12.56 9.23 -17.37
CA SER A 23 -13.42 8.23 -16.74
C SER A 23 -14.75 8.86 -16.41
N SER A 24 -15.77 8.04 -16.24
CA SER A 24 -17.08 8.57 -15.92
C SER A 24 -17.66 7.92 -14.66
N ASP A 25 -18.47 8.68 -13.93
CA ASP A 25 -19.24 8.09 -12.84
C ASP A 25 -20.62 7.76 -13.38
N GLU A 26 -20.84 8.18 -14.61
CA GLU A 26 -22.14 8.05 -15.23
C GLU A 26 -22.42 6.62 -15.65
N ILE A 27 -23.71 6.28 -15.56
CA ILE A 27 -24.24 4.97 -15.86
C ILE A 27 -24.13 4.63 -17.34
N GLY A 28 -23.58 3.45 -17.63
CA GLY A 28 -23.39 3.07 -19.02
C GLY A 28 -21.94 3.22 -19.40
N PHE A 29 -21.23 4.03 -18.61
CA PHE A 29 -19.79 4.23 -18.78
C PHE A 29 -18.99 3.66 -17.61
N ARG A 30 -19.57 2.68 -16.94
CA ARG A 30 -18.87 2.02 -15.88
C ARG A 30 -17.72 1.19 -16.42
N GLY A 31 -16.53 1.51 -15.93
CA GLY A 31 -15.33 0.77 -16.27
C GLY A 31 -14.60 1.20 -17.52
N SER A 32 -14.79 2.43 -17.97
CA SER A 32 -14.12 2.84 -19.18
C SER A 32 -13.14 3.99 -18.99
N TRP A 33 -12.04 3.89 -19.70
CA TRP A 33 -11.12 5.00 -19.91
C TRP A 33 -11.15 5.39 -21.40
N TYR A 34 -11.60 6.60 -21.67
CA TYR A 34 -11.58 7.17 -23.01
C TYR A 34 -10.43 8.16 -23.17
N MET A 35 -9.95 8.31 -24.40
CA MET A 35 -8.78 9.14 -24.63
C MET A 35 -9.15 10.60 -24.86
N GLY A 36 -8.25 11.50 -24.48
CA GLY A 36 -8.57 12.91 -24.54
C GLY A 36 -7.47 13.85 -24.13
N LYS A 37 -7.79 15.14 -24.16
CA LYS A 37 -6.86 16.16 -23.72
C LYS A 37 -7.55 17.23 -22.90
N VAL A 38 -6.78 17.84 -22.01
CA VAL A 38 -7.26 18.93 -21.18
C VAL A 38 -7.39 20.18 -22.05
N ILE A 39 -8.42 20.97 -21.77
CA ILE A 39 -8.64 22.22 -22.50
C ILE A 39 -8.52 23.43 -21.56
N THR A 40 -9.11 23.31 -20.37
CA THR A 40 -9.02 24.35 -19.34
C THR A 40 -9.15 23.73 -17.95
N ILE A 41 -8.42 24.30 -16.99
CA ILE A 41 -8.48 23.93 -15.58
C ILE A 41 -8.86 25.22 -14.89
N PRO A 42 -9.76 25.16 -13.90
CA PRO A 42 -10.44 26.28 -13.23
C PRO A 42 -9.77 27.66 -13.34
N VAL A 50 -12.64 20.09 -7.40
CA VAL A 50 -12.42 21.06 -8.46
C VAL A 50 -12.46 20.37 -9.82
N LYS A 51 -13.21 21.00 -10.71
CA LYS A 51 -13.58 20.48 -12.02
C LYS A 51 -12.70 21.06 -13.15
N CYS A 52 -12.59 20.36 -14.28
CA CYS A 52 -11.89 20.93 -15.44
C CYS A 52 -12.51 20.47 -16.77
N GLN A 53 -12.08 21.09 -17.85
CA GLN A 53 -12.66 20.82 -19.16
C GLN A 53 -11.74 20.00 -20.04
N VAL A 54 -12.31 18.99 -20.68
CA VAL A 54 -11.55 18.09 -21.52
C VAL A 54 -12.22 17.92 -22.88
N GLU A 55 -11.44 17.51 -23.88
CA GLU A 55 -11.93 17.25 -25.24
C GLU A 55 -11.58 15.82 -25.55
N TYR A 56 -12.60 15.00 -25.82
CA TYR A 56 -12.38 13.60 -26.09
C TYR A 56 -11.69 13.48 -27.43
N THR A 57 -10.94 12.40 -27.60
CA THR A 57 -10.23 12.13 -28.83
C THR A 57 -11.05 11.28 -29.79
N THR A 58 -12.03 10.58 -29.23
CA THR A 58 -12.67 9.47 -29.92
C THR A 58 -14.19 9.58 -29.97
N LEU A 59 -14.74 10.45 -29.14
CA LEU A 59 -16.17 10.68 -29.06
C LEU A 59 -16.52 12.05 -29.61
N PHE A 60 -17.68 12.14 -30.24
CA PHE A 60 -18.11 13.40 -30.81
C PHE A 60 -19.54 13.71 -30.38
N PHE A 61 -19.92 14.99 -30.44
CA PHE A 61 -21.32 15.37 -30.20
C PHE A 61 -22.17 14.78 -31.31
N ASP A 62 -21.68 14.98 -32.54
CA ASP A 62 -22.37 14.64 -33.77
C ASP A 62 -21.89 13.37 -34.42
N LYS A 63 -22.81 12.64 -35.06
CA LYS A 63 -22.50 11.37 -35.71
C LYS A 63 -21.53 11.56 -36.88
N GLU A 64 -21.33 12.82 -37.25
CA GLU A 64 -20.52 13.14 -38.43
C GLU A 64 -19.13 13.59 -38.06
N GLY A 65 -18.85 13.69 -36.75
CA GLY A 65 -17.48 13.82 -36.32
C GLY A 65 -16.87 15.17 -36.60
N THR A 66 -17.74 16.17 -36.72
CA THR A 66 -17.30 17.52 -36.98
C THR A 66 -16.95 18.24 -35.69
N LYS A 67 -17.50 17.76 -34.57
CA LYS A 67 -17.29 18.46 -33.30
C LYS A 67 -16.88 17.50 -32.19
N PRO A 68 -15.57 17.48 -31.87
CA PRO A 68 -15.05 16.70 -30.74
C PRO A 68 -15.82 16.96 -29.46
N LEU A 69 -16.19 15.88 -28.77
CA LEU A 69 -16.93 15.98 -27.52
C LEU A 69 -16.10 16.67 -26.44
N LYS A 70 -16.66 17.70 -25.85
CA LYS A 70 -16.02 18.34 -24.72
C LYS A 70 -16.88 18.19 -23.48
N GLU A 71 -16.24 17.91 -22.36
CA GLU A 71 -16.97 17.83 -21.12
C GLU A 71 -16.25 18.43 -19.94
N VAL A 72 -17.05 18.76 -18.92
CA VAL A 72 -16.54 19.20 -17.64
C VAL A 72 -16.62 18.04 -16.70
N VAL A 73 -15.45 17.60 -16.23
CA VAL A 73 -15.37 16.46 -15.33
C VAL A 73 -14.58 16.80 -14.06
N ASP A 74 -14.48 15.84 -13.15
CA ASP A 74 -13.74 15.96 -11.89
C ASP A 74 -12.29 15.49 -12.04
N MET A 75 -11.34 16.20 -11.45
CA MET A 75 -9.96 15.72 -11.47
C MET A 75 -9.86 14.26 -11.00
N SER A 76 -10.63 13.92 -9.97
CA SER A 76 -10.81 12.53 -9.57
C SER A 76 -11.00 11.65 -10.79
N GLN A 77 -11.83 12.11 -11.75
CA GLN A 77 -12.11 11.38 -12.99
C GLN A 77 -11.01 11.34 -14.06
N LEU A 78 -9.91 12.07 -13.89
CA LEU A 78 -8.84 12.07 -14.91
C LEU A 78 -7.58 11.31 -14.52
N ARG A 79 -6.73 11.06 -15.51
CA ARG A 79 -5.44 10.43 -15.26
C ARG A 79 -4.55 10.53 -16.49
N PRO A 80 -3.23 10.36 -16.29
CA PRO A 80 -2.28 10.43 -17.41
C PRO A 80 -2.54 9.30 -18.41
N PRO A 81 -2.02 9.42 -19.63
CA PRO A 81 -2.07 8.32 -20.59
C PRO A 81 -1.46 7.07 -19.97
N ALA A 82 -2.16 5.94 -20.05
CA ALA A 82 -1.63 4.68 -19.56
C ALA A 82 -0.20 4.46 -20.03
N PRO A 83 0.67 4.05 -19.09
CA PRO A 83 2.11 3.84 -19.32
C PRO A 83 2.35 2.78 -20.39
N PRO A 84 3.28 3.06 -21.32
CA PRO A 84 3.67 2.15 -22.42
C PRO A 84 4.07 0.73 -21.98
N GLU A 87 10.95 -4.37 -25.26
CA GLU A 87 9.50 -4.27 -25.12
C GLU A 87 8.94 -5.44 -24.33
N ILE A 88 9.37 -5.57 -23.08
CA ILE A 88 9.01 -6.78 -22.35
C ILE A 88 7.53 -6.75 -21.97
N GLU A 89 6.94 -5.57 -21.97
CA GLU A 89 5.59 -5.41 -21.42
C GLU A 89 4.50 -5.96 -22.34
N LYS A 90 4.58 -5.66 -23.63
CA LYS A 90 3.55 -6.07 -24.58
C LYS A 90 3.71 -7.48 -25.13
N LYS A 91 4.91 -8.05 -24.98
CA LYS A 91 5.17 -9.41 -25.45
C LYS A 91 4.77 -10.49 -24.41
N LYS A 92 4.59 -10.06 -23.17
CA LYS A 92 4.16 -10.90 -22.05
C LYS A 92 2.83 -11.59 -22.36
N LYS A 93 2.68 -12.87 -22.00
CA LYS A 93 1.43 -13.60 -22.25
C LYS A 93 0.30 -13.21 -21.30
N ILE A 94 -0.92 -13.33 -21.80
CA ILE A 94 -2.12 -13.06 -20.99
C ILE A 94 -2.72 -14.36 -20.45
N VAL A 95 -3.11 -14.34 -19.18
CA VAL A 95 -3.48 -15.57 -18.50
C VAL A 95 -4.96 -15.54 -18.12
N VAL A 96 -5.53 -16.69 -17.80
CA VAL A 96 -6.90 -16.69 -17.35
C VAL A 96 -6.85 -15.97 -16.00
N GLY A 97 -7.72 -14.99 -15.80
CA GLY A 97 -7.75 -14.24 -14.56
C GLY A 97 -7.04 -12.90 -14.57
N GLU A 98 -6.42 -12.57 -15.69
CA GLU A 98 -5.70 -11.31 -15.77
C GLU A 98 -6.69 -10.16 -15.98
N GLU A 99 -6.41 -9.00 -15.39
CA GLU A 99 -7.30 -7.86 -15.57
C GLU A 99 -6.87 -7.07 -16.81
N VAL A 100 -7.79 -6.86 -17.75
CA VAL A 100 -7.42 -6.15 -18.98
C VAL A 100 -8.41 -5.03 -19.31
N ASP A 101 -8.00 -4.11 -20.17
CA ASP A 101 -8.93 -3.20 -20.84
C ASP A 101 -9.03 -3.67 -22.27
N ALA A 102 -10.26 -3.73 -22.77
CA ALA A 102 -10.48 -4.08 -24.15
C ALA A 102 -10.86 -2.81 -24.87
N PHE A 103 -10.30 -2.64 -26.07
CA PHE A 103 -10.66 -1.49 -26.87
C PHE A 103 -12.00 -1.75 -27.57
N TYR A 104 -13.02 -1.04 -27.13
CA TYR A 104 -14.38 -1.29 -27.57
C TYR A 104 -15.17 0.02 -27.59
N ASN A 105 -16.05 0.19 -28.57
CA ASN A 105 -16.80 1.44 -28.70
C ASN A 105 -15.87 2.64 -28.65
N ASP A 106 -14.62 2.41 -29.04
CA ASP A 106 -13.66 3.50 -29.21
C ASP A 106 -13.09 4.02 -27.89
N GLY A 107 -13.10 3.17 -26.88
CA GLY A 107 -12.49 3.47 -25.61
C GLY A 107 -12.03 2.17 -24.94
N TRP A 108 -11.42 2.30 -23.77
CA TRP A 108 -10.91 1.14 -23.09
C TRP A 108 -11.80 0.76 -21.92
N TRP A 109 -12.23 -0.50 -21.92
CA TRP A 109 -13.18 -1.02 -20.93
C TRP A 109 -12.53 -2.16 -20.18
N GLU A 110 -12.62 -2.14 -18.86
CA GLU A 110 -11.99 -3.19 -18.07
C GLU A 110 -12.90 -4.41 -17.95
N GLY A 111 -12.31 -5.58 -18.14
CA GLY A 111 -12.99 -6.83 -17.90
C GLY A 111 -11.98 -7.83 -17.41
N ASP A 112 -12.42 -9.06 -17.20
CA ASP A 112 -11.51 -10.09 -16.74
C ASP A 112 -11.40 -11.23 -17.75
N VAL A 113 -10.17 -11.68 -18.01
CA VAL A 113 -9.97 -12.79 -18.95
C VAL A 113 -10.51 -14.11 -18.43
N THR A 114 -11.45 -14.64 -19.17
CA THR A 114 -12.17 -15.84 -18.80
C THR A 114 -11.63 -17.05 -19.51
N GLU A 115 -11.24 -16.85 -20.77
CA GLU A 115 -10.73 -17.94 -21.57
C GLU A 115 -9.55 -17.48 -22.40
N VAL A 116 -8.55 -18.34 -22.51
CA VAL A 116 -7.48 -18.18 -23.49
C VAL A 116 -7.72 -19.18 -24.62
N LEU A 117 -7.89 -18.70 -25.85
CA LEU A 117 -8.36 -19.59 -26.94
C LEU A 117 -7.24 -20.10 -27.85
N ASP A 118 -7.54 -21.21 -28.53
CA ASP A 118 -6.56 -21.98 -29.28
C ASP A 118 -5.86 -21.16 -30.34
N ASP A 119 -6.61 -20.26 -30.97
CA ASP A 119 -6.03 -19.40 -32.01
C ASP A 119 -5.35 -18.16 -31.45
N GLY A 120 -5.21 -18.09 -30.13
CA GLY A 120 -4.51 -16.97 -29.54
C GLY A 120 -5.42 -15.79 -29.30
N LYS A 121 -6.72 -16.03 -29.36
CA LYS A 121 -7.70 -15.00 -29.03
C LYS A 121 -8.14 -15.19 -27.58
N PHE A 122 -8.89 -14.24 -27.07
CA PHE A 122 -9.27 -14.29 -25.67
C PHE A 122 -10.74 -13.99 -25.47
N SER A 123 -11.34 -14.66 -24.49
CA SER A 123 -12.70 -14.30 -24.14
C SER A 123 -12.66 -13.51 -22.83
N VAL A 124 -13.31 -12.35 -22.82
CA VAL A 124 -13.25 -11.42 -21.71
C VAL A 124 -14.63 -11.15 -21.13
N PHE A 125 -14.78 -11.37 -19.82
CA PHE A 125 -16.04 -11.13 -19.14
C PHE A 125 -16.12 -9.71 -18.59
N PHE A 126 -17.25 -9.03 -18.83
CA PHE A 126 -17.43 -7.70 -18.29
C PHE A 126 -18.50 -7.75 -17.23
N ARG A 127 -18.03 -7.55 -16.01
CA ARG A 127 -18.76 -7.82 -14.80
C ARG A 127 -19.93 -6.85 -14.74
N SER A 128 -19.70 -5.67 -15.27
CA SER A 128 -20.65 -4.55 -15.18
C SER A 128 -21.85 -4.71 -16.08
N SER A 129 -21.61 -5.07 -17.33
CA SER A 129 -22.68 -5.24 -18.31
C SER A 129 -23.14 -6.68 -18.54
N LYS A 130 -22.56 -7.62 -17.79
CA LYS A 130 -22.80 -9.05 -17.99
C LYS A 130 -22.53 -9.47 -19.43
N GLU A 131 -21.55 -8.84 -20.05
CA GLU A 131 -21.21 -9.21 -21.41
C GLU A 131 -20.04 -10.19 -21.44
N GLN A 132 -19.93 -10.92 -22.54
CA GLN A 132 -18.87 -11.90 -22.69
C GLN A 132 -18.38 -11.81 -24.13
N ILE A 133 -17.19 -11.25 -24.34
CA ILE A 133 -16.76 -10.91 -25.70
C ILE A 133 -15.34 -11.40 -26.04
N ARG A 134 -15.15 -11.90 -27.25
CA ARG A 134 -13.82 -12.36 -27.65
C ARG A 134 -13.02 -11.25 -28.33
N PHE A 135 -11.72 -11.25 -28.11
CA PHE A 135 -10.86 -10.21 -28.65
C PHE A 135 -9.57 -10.82 -29.14
N ARG A 136 -8.92 -10.11 -30.07
CA ARG A 136 -7.54 -10.42 -30.50
C ARG A 136 -6.57 -9.73 -29.56
N LYS A 137 -5.35 -10.25 -29.42
CA LYS A 137 -4.41 -9.67 -28.48
C LYS A 137 -4.15 -8.18 -28.71
N ASP A 138 -3.96 -7.77 -29.96
CA ASP A 138 -3.86 -6.36 -30.33
C ASP A 138 -5.03 -5.47 -29.80
N GLU A 139 -6.16 -6.07 -29.39
CA GLU A 139 -7.28 -5.23 -28.91
C GLU A 139 -7.26 -5.09 -27.40
N LEU A 140 -6.29 -5.73 -26.75
CA LEU A 140 -6.19 -5.69 -25.31
C LEU A 140 -4.95 -4.96 -24.78
N ARG A 141 -5.09 -4.25 -23.67
CA ARG A 141 -3.93 -3.74 -22.92
C ARG A 141 -4.09 -4.19 -21.48
N PHE A 142 -2.98 -4.36 -20.78
CA PHE A 142 -3.02 -4.67 -19.36
C PHE A 142 -3.69 -3.55 -18.58
N HIS A 143 -4.55 -3.90 -17.63
CA HIS A 143 -5.21 -2.89 -16.80
C HIS A 143 -4.24 -2.33 -15.80
N ARG A 144 -4.21 -1.01 -15.70
CA ARG A 144 -3.40 -0.35 -14.68
C ARG A 144 -4.29 0.52 -13.80
N GLU A 145 -3.82 0.80 -12.59
CA GLU A 145 -4.54 1.65 -11.68
C GLU A 145 -3.69 2.86 -11.40
N TRP A 146 -4.34 4.01 -11.28
CA TRP A 146 -3.65 5.27 -11.00
C TRP A 146 -4.04 5.75 -9.62
N VAL A 147 -3.09 5.64 -8.69
CA VAL A 147 -3.34 6.00 -7.31
C VAL A 147 -2.36 7.07 -6.85
N ASP A 148 -2.91 8.21 -6.41
CA ASP A 148 -2.13 9.32 -5.84
C ASP A 148 -0.78 9.61 -6.53
N GLY A 149 -0.82 9.71 -7.86
CA GLY A 149 0.36 10.14 -8.59
C GLY A 149 1.21 9.00 -9.08
N ALA A 150 0.87 7.79 -8.65
CA ALA A 150 1.66 6.61 -8.98
C ALA A 150 0.82 5.56 -9.73
N TRP A 151 1.44 4.78 -10.61
CA TRP A 151 0.77 3.70 -11.31
C TRP A 151 0.87 2.37 -10.54
N LYS A 152 -0.29 1.85 -10.10
CA LYS A 152 -0.48 0.56 -9.39
C LYS A 152 -1.02 0.67 -7.95
N ALA B 1 -16.91 8.67 -35.53
CA ALA B 1 -18.32 9.03 -35.56
C ALA B 1 -19.04 8.41 -34.36
N ARG B 2 -18.27 8.04 -33.37
CA ARG B 2 -18.82 7.49 -32.14
C ARG B 2 -19.36 8.64 -31.33
N THR B 3 -20.50 8.42 -30.71
CA THR B 3 -21.12 9.46 -29.94
C THR B 3 -21.35 8.93 -28.53
N LYS B 4 -21.72 9.76 -27.56
CA LYS B 4 -22.04 9.17 -26.25
C LYS B 4 -23.21 8.20 -26.36
N GLN B 5 -24.20 8.52 -27.19
CA GLN B 5 -25.37 7.66 -27.35
C GLN B 5 -25.02 6.27 -27.90
N THR B 6 -24.07 6.20 -28.82
CA THR B 6 -23.69 4.94 -29.43
C THR B 6 -22.44 4.38 -28.79
N ALA B 7 -22.04 4.94 -27.66
CA ALA B 7 -20.87 4.42 -26.96
C ALA B 7 -21.29 3.85 -25.61
N ARG B 8 -22.32 4.44 -25.01
CA ARG B 8 -22.75 4.01 -23.69
C ARG B 8 -23.16 2.55 -23.74
N MLY B 9 -22.99 1.86 -22.62
CA MLY B 9 -23.40 0.48 -22.55
CB MLY B 9 -22.37 -0.35 -21.80
CG MLY B 9 -21.04 -0.43 -22.53
CD MLY B 9 -20.21 -1.62 -22.07
CE MLY B 9 -19.23 -2.08 -23.16
NZ MLY B 9 -18.76 -3.48 -22.92
CH1 MLY B 9 -17.54 -3.70 -23.70
CH2 MLY B 9 -18.43 -3.62 -21.51
C MLY B 9 -24.78 0.39 -21.91
O MLY B 9 -25.47 -0.63 -22.03
N SER B 10 -25.22 1.48 -21.28
CA SER B 10 -26.53 1.52 -20.66
C SER B 10 -27.28 2.82 -20.96
N LEU C 10 -37.13 -21.70 -7.52
CA LEU C 10 -36.19 -21.01 -6.63
C LEU C 10 -34.95 -21.83 -6.27
N PRO C 11 -33.77 -21.30 -6.65
CA PRO C 11 -32.38 -21.78 -6.63
C PRO C 11 -32.02 -22.80 -5.56
N SER C 12 -31.63 -23.98 -6.01
CA SER C 12 -31.22 -25.06 -5.13
C SER C 12 -30.09 -24.65 -4.19
N TYR C 13 -29.18 -23.80 -4.64
CA TYR C 13 -28.02 -23.51 -3.80
C TYR C 13 -28.36 -22.59 -2.64
N LEU C 14 -29.62 -22.20 -2.52
CA LEU C 14 -30.05 -21.29 -1.45
C LEU C 14 -31.04 -21.95 -0.49
N LYS C 15 -31.06 -23.28 -0.47
CA LYS C 15 -32.01 -23.94 0.41
C LYS C 15 -31.33 -24.00 1.77
N PRO C 16 -32.09 -23.73 2.85
CA PRO C 16 -31.60 -23.73 4.23
C PRO C 16 -30.76 -24.96 4.54
N GLY C 17 -29.55 -24.71 5.03
CA GLY C 17 -28.58 -25.73 5.32
C GLY C 17 -27.46 -25.58 4.34
N SER C 18 -27.68 -24.74 3.33
CA SER C 18 -26.74 -24.57 2.24
C SER C 18 -25.56 -23.67 2.61
N ALA C 19 -24.40 -23.99 2.07
CA ALA C 19 -23.19 -23.18 2.25
C ALA C 19 -23.20 -22.04 1.24
N VAL C 20 -22.83 -20.84 1.68
CA VAL C 20 -22.84 -19.69 0.79
C VAL C 20 -21.64 -18.78 1.04
N GLU C 21 -21.25 -18.04 0.00
CA GLU C 21 -20.34 -16.93 0.20
C GLU C 21 -21.21 -15.69 0.22
N ILE C 22 -20.94 -14.82 1.16
CA ILE C 22 -21.80 -13.69 1.38
C ILE C 22 -21.10 -12.40 0.99
N SER C 23 -21.84 -11.49 0.36
CA SER C 23 -21.28 -10.23 -0.09
C SER C 23 -22.13 -9.13 0.49
N SER C 24 -21.55 -7.95 0.64
CA SER C 24 -22.26 -6.85 1.24
C SER C 24 -22.20 -5.66 0.32
N ASP C 25 -23.25 -4.84 0.32
CA ASP C 25 -23.25 -3.61 -0.43
C ASP C 25 -22.84 -2.47 0.49
N GLU C 26 -22.71 -2.82 1.77
CA GLU C 26 -22.45 -1.87 2.84
C GLU C 26 -21.03 -1.35 2.81
N ILE C 27 -20.83 -0.10 3.23
CA ILE C 27 -19.50 0.49 3.21
C ILE C 27 -18.57 -0.21 4.17
N GLY C 28 -17.39 -0.58 3.70
CA GLY C 28 -16.46 -1.28 4.55
C GLY C 28 -16.38 -2.76 4.25
N PHE C 29 -17.41 -3.32 3.61
CA PHE C 29 -17.33 -4.72 3.18
C PHE C 29 -17.44 -4.98 1.68
N ARG C 30 -17.34 -3.94 0.87
CA ARG C 30 -17.44 -4.11 -0.59
C ARG C 30 -16.18 -4.73 -1.13
N GLY C 31 -16.36 -5.80 -1.89
CA GLY C 31 -15.28 -6.55 -2.48
C GLY C 31 -14.79 -7.66 -1.57
N SER C 32 -15.65 -8.06 -0.64
CA SER C 32 -15.38 -9.20 0.23
C SER C 32 -16.48 -10.27 0.11
N TRP C 33 -16.05 -11.52 0.15
CA TRP C 33 -16.94 -12.66 0.34
C TRP C 33 -16.65 -13.35 1.67
N TYR C 34 -17.62 -13.36 2.58
CA TYR C 34 -17.50 -14.11 3.83
C TYR C 34 -18.28 -15.41 3.79
N MET C 35 -17.80 -16.44 4.50
CA MET C 35 -18.41 -17.77 4.45
C MET C 35 -19.53 -17.89 5.48
N GLY C 36 -20.52 -18.72 5.17
CA GLY C 36 -21.71 -18.78 5.99
C GLY C 36 -22.65 -19.84 5.49
N LYS C 37 -23.80 -19.96 6.13
CA LYS C 37 -24.82 -20.90 5.70
C LYS C 37 -26.19 -20.26 5.64
N VAL C 38 -27.02 -20.75 4.72
CA VAL C 38 -28.39 -20.28 4.67
C VAL C 38 -29.07 -20.94 5.84
N ILE C 39 -29.89 -20.20 6.55
CA ILE C 39 -30.55 -20.80 7.70
C ILE C 39 -32.06 -20.82 7.49
N THR C 40 -32.61 -19.73 6.96
CA THR C 40 -34.04 -19.62 6.73
C THR C 40 -34.43 -18.68 5.58
N ILE C 41 -35.59 -18.93 4.98
CA ILE C 41 -36.12 -17.98 4.02
C ILE C 41 -37.51 -17.55 4.46
N PRO C 42 -37.73 -16.24 4.55
CA PRO C 42 -39.03 -15.76 5.05
C PRO C 42 -39.92 -15.24 3.92
N VAL C 50 -36.61 -13.61 -3.10
CA VAL C 50 -36.39 -12.29 -2.54
C VAL C 50 -35.29 -12.34 -1.47
N LYS C 51 -35.67 -12.16 -0.21
CA LYS C 51 -34.71 -12.07 0.88
C LYS C 51 -34.63 -13.39 1.63
N CYS C 52 -33.49 -13.67 2.25
CA CYS C 52 -33.35 -14.85 3.10
C CYS C 52 -32.35 -14.57 4.22
N GLN C 53 -32.28 -15.43 5.22
CA GLN C 53 -31.41 -15.16 6.36
C GLN C 53 -30.22 -16.11 6.44
N VAL C 54 -29.04 -15.57 6.74
CA VAL C 54 -27.83 -16.39 6.73
C VAL C 54 -27.05 -16.26 8.03
N GLU C 55 -26.17 -17.23 8.26
CA GLU C 55 -25.29 -17.24 9.43
C GLU C 55 -23.82 -17.34 9.02
N TYR C 56 -23.03 -16.34 9.43
CA TYR C 56 -21.62 -16.33 9.11
C TYR C 56 -20.82 -17.39 9.86
N THR C 57 -19.71 -17.81 9.27
CA THR C 57 -18.82 -18.81 9.84
C THR C 57 -17.66 -18.24 10.68
N THR C 58 -17.34 -16.97 10.46
CA THR C 58 -16.14 -16.37 11.03
C THR C 58 -16.46 -15.02 11.66
N LEU C 59 -17.67 -14.52 11.43
CA LEU C 59 -18.04 -13.23 12.00
C LEU C 59 -19.05 -13.44 13.14
N PHE C 60 -18.93 -12.64 14.20
CA PHE C 60 -19.76 -12.81 15.38
C PHE C 60 -20.41 -11.53 15.86
N PHE C 61 -21.51 -11.69 16.59
CA PHE C 61 -22.13 -10.56 17.26
C PHE C 61 -21.23 -10.09 18.37
N ASP C 62 -20.80 -11.03 19.20
CA ASP C 62 -20.02 -10.69 20.39
C ASP C 62 -18.56 -11.00 20.16
N LYS C 63 -17.68 -10.21 20.77
CA LYS C 63 -16.25 -10.39 20.58
C LYS C 63 -15.77 -11.74 21.09
N GLU C 64 -16.62 -12.44 21.81
CA GLU C 64 -16.19 -13.64 22.52
C GLU C 64 -16.56 -14.92 21.81
N GLY C 65 -17.25 -14.80 20.67
CA GLY C 65 -17.43 -15.92 19.79
C GLY C 65 -18.44 -16.92 20.29
N THR C 66 -19.37 -16.44 21.11
CA THR C 66 -20.44 -17.30 21.61
C THR C 66 -21.64 -17.22 20.68
N LYS C 67 -21.72 -16.15 19.90
CA LYS C 67 -22.91 -15.91 19.08
C LYS C 67 -22.54 -15.57 17.63
N PRO C 68 -22.63 -16.57 16.73
CA PRO C 68 -22.39 -16.38 15.30
C PRO C 68 -23.23 -15.26 14.73
N LEU C 69 -22.64 -14.38 13.94
CA LEU C 69 -23.41 -13.30 13.30
C LEU C 69 -24.42 -13.88 12.31
N LYS C 70 -25.67 -13.45 12.43
CA LYS C 70 -26.67 -13.76 11.43
C LYS C 70 -27.20 -12.49 10.76
N GLU C 71 -27.41 -12.55 9.45
CA GLU C 71 -28.06 -11.44 8.76
C GLU C 71 -29.04 -11.91 7.69
N VAL C 72 -29.96 -11.02 7.32
CA VAL C 72 -30.90 -11.29 6.26
C VAL C 72 -30.47 -10.53 5.00
N VAL C 73 -30.10 -11.27 3.95
CA VAL C 73 -29.60 -10.62 2.76
C VAL C 73 -30.42 -10.96 1.52
N ASP C 74 -30.16 -10.24 0.43
CA ASP C 74 -30.90 -10.47 -0.80
C ASP C 74 -30.14 -11.53 -1.57
N MET C 75 -30.88 -12.49 -2.09
CA MET C 75 -30.32 -13.63 -2.81
C MET C 75 -29.20 -13.23 -3.79
N SER C 76 -29.37 -12.10 -4.46
CA SER C 76 -28.30 -11.47 -5.23
C SER C 76 -26.95 -11.48 -4.47
N GLN C 77 -26.99 -11.09 -3.21
CA GLN C 77 -25.79 -10.97 -2.37
C GLN C 77 -25.15 -12.33 -1.99
N LEU C 78 -25.78 -13.43 -2.36
CA LEU C 78 -25.25 -14.75 -2.03
C LEU C 78 -24.69 -15.48 -3.23
N ARG C 79 -23.96 -16.57 -2.97
CA ARG C 79 -23.48 -17.40 -4.07
C ARG C 79 -22.88 -18.68 -3.51
N PRO C 80 -22.75 -19.72 -4.34
CA PRO C 80 -22.20 -20.99 -3.84
C PRO C 80 -20.76 -20.82 -3.35
N PRO C 81 -20.25 -21.77 -2.56
CA PRO C 81 -18.82 -21.76 -2.23
C PRO C 81 -18.01 -21.69 -3.51
N ALA C 82 -17.11 -20.72 -3.59
CA ALA C 82 -16.19 -20.64 -4.70
C ALA C 82 -15.56 -22.01 -4.88
N PRO C 83 -15.58 -22.51 -6.12
CA PRO C 83 -15.11 -23.86 -6.47
C PRO C 83 -13.67 -24.06 -6.06
N PRO C 84 -13.37 -25.20 -5.43
CA PRO C 84 -12.02 -25.54 -4.97
C PRO C 84 -10.97 -25.39 -6.08
N MET C 85 -9.70 -25.32 -5.71
CA MET C 85 -8.65 -25.13 -6.71
C MET C 85 -8.45 -26.40 -7.52
N LYS C 91 -1.56 -24.87 -8.70
CA LYS C 91 -0.17 -25.08 -9.12
C LYS C 91 0.30 -24.12 -10.21
N LYS C 92 -0.65 -23.60 -10.99
CA LYS C 92 -0.39 -22.62 -12.03
C LYS C 92 0.14 -21.32 -11.41
N LYS C 93 1.13 -20.69 -12.03
CA LYS C 93 1.72 -19.47 -11.46
C LYS C 93 0.74 -18.33 -11.41
N ILE C 94 0.89 -17.46 -10.41
CA ILE C 94 0.10 -16.23 -10.32
C ILE C 94 0.93 -15.06 -10.86
N VAL C 95 0.33 -14.24 -11.72
CA VAL C 95 1.11 -13.20 -12.42
C VAL C 95 0.58 -11.77 -12.19
N VAL C 96 1.40 -10.78 -12.54
CA VAL C 96 1.06 -9.38 -12.34
C VAL C 96 -0.14 -8.96 -13.12
N GLY C 97 -1.11 -8.36 -12.45
CA GLY C 97 -2.32 -7.92 -13.12
C GLY C 97 -3.43 -8.96 -12.93
N GLU C 98 -3.08 -10.06 -12.28
CA GLU C 98 -4.08 -11.09 -12.08
C GLU C 98 -5.03 -10.66 -10.98
N GLU C 99 -6.30 -10.97 -11.12
CA GLU C 99 -7.26 -10.65 -10.06
C GLU C 99 -7.36 -11.84 -9.11
N VAL C 100 -7.15 -11.58 -7.83
CA VAL C 100 -7.15 -12.62 -6.80
C VAL C 100 -8.03 -12.21 -5.63
N ASP C 101 -8.35 -13.17 -4.77
CA ASP C 101 -8.85 -12.84 -3.44
C ASP C 101 -7.78 -13.15 -2.43
N ALA C 102 -7.62 -12.27 -1.45
CA ALA C 102 -6.73 -12.55 -0.34
C ALA C 102 -7.55 -12.82 0.92
N PHE C 103 -7.14 -13.81 1.68
CA PHE C 103 -7.83 -14.08 2.93
C PHE C 103 -7.39 -13.11 4.02
N TYR C 104 -8.28 -12.22 4.38
CA TYR C 104 -7.94 -11.15 5.29
C TYR C 104 -9.15 -10.89 6.17
N ASN C 105 -8.92 -10.59 7.45
CA ASN C 105 -9.99 -10.33 8.40
C ASN C 105 -11.03 -11.45 8.40
N ASP C 106 -10.56 -12.65 8.07
CA ASP C 106 -11.35 -13.88 8.18
C ASP C 106 -12.39 -13.97 7.04
N GLY C 107 -12.09 -13.33 5.93
CA GLY C 107 -12.93 -13.41 4.75
C GLY C 107 -12.10 -13.19 3.50
N TRP C 108 -12.74 -13.27 2.33
CA TRP C 108 -12.04 -13.15 1.05
C TRP C 108 -12.27 -11.80 0.39
N TRP C 109 -11.18 -11.13 0.05
CA TRP C 109 -11.21 -9.78 -0.51
C TRP C 109 -10.54 -9.72 -1.86
N GLU C 110 -11.17 -9.07 -2.83
CA GLU C 110 -10.58 -9.00 -4.18
C GLU C 110 -9.62 -7.83 -4.42
N GLY C 111 -8.48 -8.13 -5.04
CA GLY C 111 -7.55 -7.09 -5.46
C GLY C 111 -6.72 -7.55 -6.63
N ASP C 112 -5.80 -6.70 -7.07
CA ASP C 112 -4.94 -7.05 -8.20
C ASP C 112 -3.49 -7.28 -7.76
N VAL C 113 -2.91 -8.36 -8.23
CA VAL C 113 -1.51 -8.61 -7.98
C VAL C 113 -0.71 -7.52 -8.73
N THR C 114 0.02 -6.69 -7.97
CA THR C 114 0.78 -5.58 -8.54
C THR C 114 2.23 -5.95 -8.67
N GLU C 115 2.71 -6.82 -7.77
CA GLU C 115 4.11 -7.21 -7.76
C GLU C 115 4.23 -8.71 -7.44
N VAL C 116 5.13 -9.42 -8.11
CA VAL C 116 5.48 -10.80 -7.78
C VAL C 116 6.87 -10.84 -7.14
N LEU C 117 6.96 -11.38 -5.93
CA LEU C 117 8.21 -11.29 -5.17
C LEU C 117 9.01 -12.59 -5.20
N ASP C 118 10.32 -12.45 -5.02
CA ASP C 118 11.27 -13.56 -5.17
C ASP C 118 11.01 -14.73 -4.25
N ASP C 119 10.47 -14.45 -3.08
CA ASP C 119 10.24 -15.52 -2.13
C ASP C 119 8.94 -16.22 -2.49
N GLY C 120 8.36 -15.84 -3.61
CA GLY C 120 7.13 -16.47 -4.04
C GLY C 120 5.92 -15.82 -3.36
N LYS C 121 6.14 -14.62 -2.83
CA LYS C 121 5.07 -13.87 -2.19
C LYS C 121 4.50 -12.83 -3.13
N PHE C 122 3.39 -12.23 -2.74
CA PHE C 122 2.76 -11.25 -3.61
C PHE C 122 2.31 -10.00 -2.90
N SER C 123 2.43 -8.90 -3.62
CA SER C 123 1.89 -7.63 -3.20
C SER C 123 0.60 -7.42 -3.95
N VAL C 124 -0.44 -7.13 -3.20
CA VAL C 124 -1.78 -7.07 -3.73
C VAL C 124 -2.37 -5.69 -3.46
N PHE C 125 -2.91 -5.05 -4.50
CA PHE C 125 -3.54 -3.73 -4.32
C PHE C 125 -5.05 -3.82 -4.12
N PHE C 126 -5.54 -3.06 -3.14
CA PHE C 126 -6.97 -2.97 -2.93
C PHE C 126 -7.49 -1.56 -3.23
N ARG C 127 -8.23 -1.45 -4.32
CA ARG C 127 -8.56 -0.16 -4.91
C ARG C 127 -9.44 0.67 -4.02
N SER C 128 -10.37 -0.01 -3.36
CA SER C 128 -11.40 0.69 -2.62
C SER C 128 -10.82 1.30 -1.36
N SER C 129 -9.94 0.54 -0.67
CA SER C 129 -9.30 1.03 0.54
C SER C 129 -7.90 1.60 0.27
N LYS C 130 -7.48 1.57 -0.99
CA LYS C 130 -6.13 2.03 -1.33
C LYS C 130 -5.04 1.35 -0.53
N GLU C 131 -5.27 0.10 -0.13
CA GLU C 131 -4.27 -0.60 0.67
C GLU C 131 -3.36 -1.40 -0.23
N GLN C 132 -2.17 -1.73 0.28
CA GLN C 132 -1.16 -2.50 -0.46
C GLN C 132 -0.56 -3.51 0.50
N ILE C 133 -0.90 -4.79 0.33
CA ILE C 133 -0.59 -5.77 1.35
C ILE C 133 0.06 -6.98 0.72
N ARG C 134 1.07 -7.53 1.38
CA ARG C 134 1.74 -8.71 0.86
C ARG C 134 1.14 -10.00 1.37
N PHE C 135 1.21 -11.02 0.53
CA PHE C 135 0.65 -12.33 0.88
C PHE C 135 1.49 -13.50 0.37
N ARG C 136 1.32 -14.63 1.05
CA ARG C 136 1.84 -15.92 0.59
C ARG C 136 0.78 -16.53 -0.34
N LYS C 137 1.19 -17.43 -1.23
CA LYS C 137 0.28 -18.06 -2.17
C LYS C 137 -0.91 -18.74 -1.50
N ASP C 138 -0.63 -19.52 -0.47
CA ASP C 138 -1.68 -20.15 0.34
C ASP C 138 -2.79 -19.20 0.86
N GLU C 139 -2.54 -17.90 0.89
CA GLU C 139 -3.53 -16.95 1.40
C GLU C 139 -4.32 -16.35 0.25
N LEU C 140 -3.99 -16.75 -0.97
CA LEU C 140 -4.64 -16.24 -2.16
C LEU C 140 -5.42 -17.35 -2.89
N ARG C 141 -6.58 -16.99 -3.44
CA ARG C 141 -7.31 -17.87 -4.34
C ARG C 141 -7.59 -17.08 -5.61
N PHE C 142 -7.78 -17.77 -6.72
CA PHE C 142 -8.20 -17.10 -7.94
C PHE C 142 -9.58 -16.49 -7.75
N HIS C 143 -9.77 -15.28 -8.26
CA HIS C 143 -11.06 -14.62 -8.16
C HIS C 143 -12.05 -15.21 -9.16
N ARG C 144 -13.26 -15.54 -8.70
CA ARG C 144 -14.30 -15.99 -9.63
C ARG C 144 -15.52 -15.09 -9.55
N GLU C 145 -16.33 -15.15 -10.60
CA GLU C 145 -17.58 -14.41 -10.63
C GLU C 145 -18.71 -15.41 -10.82
N TRP C 146 -19.83 -15.17 -10.15
CA TRP C 146 -20.98 -16.05 -10.22
C TRP C 146 -22.07 -15.35 -11.00
N VAL C 147 -22.28 -15.79 -12.22
CA VAL C 147 -23.24 -15.13 -13.09
C VAL C 147 -24.34 -16.08 -13.49
N ASP C 148 -25.58 -15.66 -13.25
CA ASP C 148 -26.79 -16.37 -13.64
C ASP C 148 -26.63 -17.89 -13.50
N GLY C 149 -26.07 -18.33 -12.38
CA GLY C 149 -25.99 -19.75 -12.09
C GLY C 149 -24.72 -20.46 -12.51
N ALA C 150 -23.83 -19.75 -13.21
CA ALA C 150 -22.62 -20.36 -13.76
C ALA C 150 -21.36 -19.66 -13.25
N TRP C 151 -20.27 -20.41 -13.14
CA TRP C 151 -19.00 -19.85 -12.71
C TRP C 151 -18.13 -19.35 -13.84
N LYS C 152 -17.81 -18.05 -13.79
CA LYS C 152 -16.88 -17.42 -14.72
C LYS C 152 -15.62 -17.01 -13.92
N ALA D 1 -14.20 -14.37 17.58
CA ALA D 1 -13.77 -13.09 18.16
C ALA D 1 -13.76 -11.99 17.11
N ARG D 2 -13.79 -12.38 15.84
CA ARG D 2 -13.89 -11.41 14.77
C ARG D 2 -15.32 -10.93 14.67
N THR D 3 -15.50 -9.62 14.57
CA THR D 3 -16.82 -9.01 14.49
C THR D 3 -16.94 -8.14 13.26
N LYS D 4 -18.15 -7.66 12.97
CA LYS D 4 -18.31 -6.75 11.85
C LYS D 4 -17.42 -5.55 12.05
N GLN D 5 -17.40 -5.07 13.29
CA GLN D 5 -16.64 -3.88 13.63
C GLN D 5 -15.12 -4.07 13.54
N THR D 6 -14.63 -5.26 13.84
CA THR D 6 -13.20 -5.52 13.73
C THR D 6 -12.83 -6.26 12.44
N ALA D 7 -13.75 -6.30 11.50
CA ALA D 7 -13.44 -6.89 10.19
C ALA D 7 -13.57 -5.88 9.06
N ARG D 8 -14.47 -4.90 9.26
CA ARG D 8 -14.81 -3.89 8.25
C ARG D 8 -13.64 -2.99 7.87
N MLY D 9 -13.52 -2.72 6.57
CA MLY D 9 -12.43 -1.93 6.05
CB MLY D 9 -12.09 -2.35 4.62
CG MLY D 9 -11.33 -3.67 4.50
CD MLY D 9 -10.03 -3.50 3.72
CE MLY D 9 -9.69 -4.78 2.96
NZ MLY D 9 -8.26 -5.21 3.00
CH1 MLY D 9 -8.30 -6.62 2.66
CH2 MLY D 9 -7.58 -4.56 1.89
C MLY D 9 -12.73 -0.44 6.06
O MLY D 9 -13.86 -0.03 5.82
N SER D 10 -11.68 0.33 6.34
CA SER D 10 -11.63 1.77 6.17
C SER D 10 -12.94 2.48 6.52
N PRO E 11 23.44 -6.86 33.35
CA PRO E 11 22.14 -6.41 32.85
C PRO E 11 21.03 -6.75 33.84
N SER E 12 20.44 -5.75 34.49
CA SER E 12 19.41 -6.04 35.50
C SER E 12 18.24 -6.82 34.90
N TYR E 13 17.76 -6.40 33.74
CA TYR E 13 16.68 -7.13 33.08
C TYR E 13 17.33 -8.30 32.35
N LEU E 14 16.56 -9.05 31.57
CA LEU E 14 17.05 -10.27 30.92
C LEU E 14 17.26 -11.40 31.95
N LYS E 15 16.54 -11.37 33.06
CA LYS E 15 16.70 -12.42 34.06
C LYS E 15 15.87 -13.57 33.55
N PRO E 16 16.36 -14.81 33.70
CA PRO E 16 15.54 -15.94 33.29
C PRO E 16 14.14 -15.76 33.86
N GLY E 17 13.15 -15.67 32.98
CA GLY E 17 11.79 -15.37 33.40
C GLY E 17 11.40 -13.97 32.97
N SER E 18 12.37 -13.17 32.52
CA SER E 18 12.08 -11.78 32.18
C SER E 18 11.31 -11.70 30.89
N ALA E 19 10.36 -10.76 30.88
CA ALA E 19 9.58 -10.50 29.70
C ALA E 19 10.44 -9.57 28.85
N VAL E 20 10.52 -9.89 27.56
CA VAL E 20 11.37 -9.16 26.64
C VAL E 20 10.67 -8.97 25.30
N GLU E 21 11.07 -7.92 24.59
CA GLU E 21 10.76 -7.77 23.17
C GLU E 21 11.99 -8.19 22.38
N ILE E 22 11.77 -8.95 21.33
CA ILE E 22 12.86 -9.51 20.55
C ILE E 22 12.85 -8.92 19.15
N SER E 23 14.02 -8.71 18.57
CA SER E 23 14.14 -8.19 17.20
C SER E 23 15.04 -9.11 16.38
N SER E 24 14.94 -9.04 15.06
CA SER E 24 15.73 -9.94 14.23
C SER E 24 16.56 -9.12 13.25
N ASP E 25 17.75 -9.59 12.90
CA ASP E 25 18.54 -8.90 11.88
C ASP E 25 18.24 -9.51 10.52
N GLU E 26 17.49 -10.59 10.57
CA GLU E 26 17.17 -11.41 9.41
C GLU E 26 16.09 -10.76 8.54
N ILE E 27 16.21 -10.91 7.22
CA ILE E 27 15.28 -10.30 6.27
C ILE E 27 13.86 -10.88 6.41
N GLY E 28 12.88 -9.98 6.42
CA GLY E 28 11.51 -10.40 6.60
C GLY E 28 11.01 -10.05 7.99
N PHE E 29 11.93 -9.87 8.93
CA PHE E 29 11.58 -9.43 10.27
C PHE E 29 12.14 -8.07 10.65
N ARG E 30 12.56 -7.29 9.66
CA ARG E 30 13.07 -5.97 9.99
C ARG E 30 11.97 -4.95 10.31
N GLY E 31 12.11 -4.37 11.50
CA GLY E 31 11.19 -3.41 12.03
C GLY E 31 10.15 -4.12 12.86
N SER E 32 10.48 -5.32 13.34
CA SER E 32 9.56 -6.02 14.21
C SER E 32 10.11 -6.26 15.59
N TRP E 33 9.25 -6.09 16.60
CA TRP E 33 9.51 -6.58 17.94
C TRP E 33 8.47 -7.63 18.32
N TYR E 34 8.91 -8.87 18.49
CA TYR E 34 8.04 -9.93 18.95
C TYR E 34 8.27 -10.16 20.43
N MET E 35 7.22 -10.55 21.13
CA MET E 35 7.26 -10.69 22.58
C MET E 35 7.66 -12.09 23.04
N GLY E 36 8.29 -12.14 24.20
CA GLY E 36 8.88 -13.38 24.69
C GLY E 36 9.49 -13.26 26.07
N LYS E 37 10.08 -14.35 26.54
CA LYS E 37 10.69 -14.39 27.85
C LYS E 37 12.08 -14.93 27.73
N VAL E 38 12.95 -14.47 28.63
CA VAL E 38 14.31 -14.98 28.64
C VAL E 38 14.23 -16.38 29.25
N ILE E 39 14.99 -17.32 28.72
CA ILE E 39 15.00 -18.67 29.27
C ILE E 39 16.35 -19.05 29.87
N THR E 40 17.43 -18.67 29.19
CA THR E 40 18.75 -18.98 29.70
C THR E 40 19.81 -17.93 29.31
N ILE E 41 20.75 -17.69 30.23
CA ILE E 41 21.87 -16.76 30.03
C ILE E 41 23.20 -17.40 30.42
N PRO E 42 24.28 -17.12 29.65
CA PRO E 42 25.58 -17.72 29.93
C PRO E 42 26.05 -17.45 31.37
N LYS E 51 25.17 -12.75 24.26
CA LYS E 51 24.19 -13.69 23.73
C LYS E 51 23.44 -14.50 24.79
N CYS E 52 22.16 -14.75 24.54
CA CYS E 52 21.35 -15.56 25.43
C CYS E 52 20.15 -16.23 24.72
N GLN E 53 19.43 -17.11 25.42
CA GLN E 53 18.31 -17.87 24.83
C GLN E 53 16.94 -17.35 25.25
N VAL E 54 16.02 -17.25 24.30
CA VAL E 54 14.70 -16.70 24.58
C VAL E 54 13.56 -17.57 24.06
N GLU E 55 12.35 -17.38 24.61
CA GLU E 55 11.18 -18.13 24.17
C GLU E 55 10.04 -17.20 23.71
N TYR E 56 9.64 -17.35 22.45
CA TYR E 56 8.60 -16.51 21.90
C TYR E 56 7.24 -16.83 22.52
N THR E 57 6.36 -15.83 22.56
CA THR E 57 5.03 -15.99 23.09
C THR E 57 3.98 -16.31 22.03
N THR E 58 4.29 -16.01 20.78
CA THR E 58 3.29 -16.01 19.72
C THR E 58 3.75 -16.83 18.52
N LEU E 59 5.02 -17.19 18.54
CA LEU E 59 5.58 -17.97 17.45
C LEU E 59 5.88 -19.41 17.86
N PHE E 60 5.74 -20.34 16.93
CA PHE E 60 5.99 -21.74 17.21
C PHE E 60 6.88 -22.39 16.18
N PHE E 61 7.48 -23.52 16.55
CA PHE E 61 8.17 -24.32 15.56
C PHE E 61 7.16 -24.88 14.58
N ASP E 62 6.09 -25.45 15.12
CA ASP E 62 5.12 -26.18 14.32
C ASP E 62 3.88 -25.35 14.01
N LYS E 63 3.33 -25.59 12.82
CA LYS E 63 2.21 -24.84 12.32
C LYS E 63 0.96 -25.16 13.12
N GLU E 64 1.03 -26.22 13.93
CA GLU E 64 -0.12 -26.65 14.71
C GLU E 64 0.04 -26.28 16.17
N GLY E 65 1.17 -25.65 16.50
CA GLY E 65 1.29 -25.01 17.79
C GLY E 65 1.58 -25.85 19.02
N THR E 66 2.26 -26.97 18.83
CA THR E 66 2.57 -27.82 19.97
C THR E 66 3.84 -27.38 20.68
N LYS E 67 4.70 -26.65 19.98
CA LYS E 67 6.01 -26.27 20.52
C LYS E 67 6.38 -24.80 20.31
N PRO E 68 6.40 -24.03 21.39
CA PRO E 68 6.83 -22.63 21.37
C PRO E 68 8.17 -22.44 20.70
N LEU E 69 8.28 -21.47 19.81
CA LEU E 69 9.57 -21.19 19.20
C LEU E 69 10.51 -20.66 20.27
N LYS E 70 11.67 -21.28 20.40
CA LYS E 70 12.73 -20.72 21.22
C LYS E 70 13.90 -20.45 20.31
N GLU E 71 14.61 -19.35 20.55
CA GLU E 71 15.82 -19.10 19.79
C GLU E 71 16.91 -18.62 20.69
N VAL E 72 18.15 -18.79 20.23
CA VAL E 72 19.27 -18.24 20.93
C VAL E 72 19.61 -16.99 20.16
N VAL E 73 19.48 -15.86 20.82
CA VAL E 73 19.67 -14.58 20.18
C VAL E 73 20.81 -13.82 20.85
N ASP E 74 21.20 -12.72 20.23
CA ASP E 74 22.29 -11.93 20.76
C ASP E 74 21.64 -10.91 21.67
N MET E 75 22.21 -10.70 22.86
CA MET E 75 21.67 -9.75 23.83
C MET E 75 21.32 -8.37 23.26
N SER E 76 22.17 -7.83 22.39
CA SER E 76 21.88 -6.60 21.64
C SER E 76 20.46 -6.46 21.09
N GLN E 77 19.97 -7.50 20.42
CA GLN E 77 18.64 -7.51 19.82
C GLN E 77 17.49 -7.63 20.84
N LEU E 78 17.82 -7.62 22.13
CA LEU E 78 16.77 -7.69 23.14
C LEU E 78 16.53 -6.33 23.79
N ARG E 79 15.41 -6.23 24.48
CA ARG E 79 15.07 -5.03 25.23
C ARG E 79 13.83 -5.30 26.09
N PRO E 80 13.64 -4.49 27.14
CA PRO E 80 12.49 -4.64 28.04
C PRO E 80 11.19 -4.44 27.28
N PRO E 81 10.06 -4.88 27.85
CA PRO E 81 8.71 -4.56 27.36
C PRO E 81 8.51 -3.06 27.30
N ALA E 82 8.06 -2.55 26.16
CA ALA E 82 7.73 -1.13 26.08
C ALA E 82 6.81 -0.75 27.24
N PRO E 83 7.17 0.31 27.97
CA PRO E 83 6.42 0.75 29.16
C PRO E 83 4.97 1.10 28.81
N PRO E 84 4.01 0.63 29.62
CA PRO E 84 2.59 0.94 29.41
C PRO E 84 2.32 2.45 29.36
N LYS E 91 -3.42 7.19 25.26
CA LYS E 91 -4.69 7.90 25.02
C LYS E 91 -4.54 9.17 24.15
N LYS E 92 -3.33 9.69 24.05
CA LYS E 92 -3.06 10.83 23.18
C LYS E 92 -3.39 10.47 21.76
N LYS E 93 -3.79 11.48 21.00
CA LYS E 93 -4.16 11.30 19.60
C LYS E 93 -2.96 10.92 18.75
N ILE E 94 -3.23 10.19 17.65
CA ILE E 94 -2.22 9.82 16.67
C ILE E 94 -2.25 10.80 15.50
N VAL E 95 -1.09 11.29 15.06
CA VAL E 95 -1.10 12.33 14.03
C VAL E 95 -0.40 11.80 12.79
N VAL E 96 -0.60 12.48 11.68
CA VAL E 96 0.08 12.09 10.48
C VAL E 96 1.58 12.28 10.68
N GLY E 97 2.36 11.26 10.35
CA GLY E 97 3.81 11.33 10.46
C GLY E 97 4.39 10.68 11.70
N GLU E 98 3.51 10.20 12.57
CA GLU E 98 3.99 9.62 13.82
C GLU E 98 4.53 8.22 13.64
N GLU E 99 5.60 7.89 14.37
CA GLU E 99 6.13 6.56 14.23
C GLU E 99 5.35 5.66 15.16
N VAL E 100 4.75 4.60 14.60
CA VAL E 100 3.93 3.69 15.39
C VAL E 100 4.39 2.27 15.16
N ASP E 101 3.98 1.36 16.04
CA ASP E 101 4.04 -0.06 15.75
C ASP E 101 2.63 -0.54 15.56
N ALA E 102 2.42 -1.38 14.58
CA ALA E 102 1.13 -2.01 14.38
C ALA E 102 1.21 -3.47 14.74
N PHE E 103 0.21 -3.97 15.43
CA PHE E 103 0.17 -5.38 15.74
C PHE E 103 -0.34 -6.16 14.52
N TYR E 104 0.57 -6.92 13.90
CA TYR E 104 0.34 -7.62 12.65
C TYR E 104 1.13 -8.94 12.68
N ASN E 105 0.58 -10.01 12.11
CA ASN E 105 1.25 -11.30 12.12
C ASN E 105 1.68 -11.70 13.54
N ASP E 106 0.95 -11.18 14.54
CA ASP E 106 1.16 -11.61 15.90
C ASP E 106 2.45 -11.04 16.49
N GLY E 107 2.88 -9.91 15.97
CA GLY E 107 4.04 -9.20 16.49
C GLY E 107 3.89 -7.71 16.22
N TRP E 108 4.88 -6.93 16.61
CA TRP E 108 4.85 -5.48 16.40
C TRP E 108 5.76 -5.05 15.28
N TRP E 109 5.20 -4.30 14.35
CA TRP E 109 5.94 -3.83 13.18
C TRP E 109 5.91 -2.31 13.13
N GLU E 110 7.06 -1.68 12.91
CA GLU E 110 7.14 -0.22 12.89
C GLU E 110 6.84 0.36 11.51
N GLY E 111 6.00 1.40 11.48
CA GLY E 111 5.68 2.09 10.26
C GLY E 111 5.40 3.55 10.51
N ASP E 112 4.98 4.27 9.46
CA ASP E 112 4.67 5.68 9.61
C ASP E 112 3.20 5.97 9.35
N VAL E 113 2.57 6.69 10.26
CA VAL E 113 1.18 7.03 10.04
C VAL E 113 1.14 8.01 8.89
N THR E 114 0.43 7.60 7.85
CA THR E 114 0.31 8.36 6.65
C THR E 114 -1.01 9.12 6.56
N GLU E 115 -2.07 8.50 7.05
CA GLU E 115 -3.37 9.13 6.96
C GLU E 115 -4.16 8.86 8.20
N VAL E 116 -4.86 9.89 8.69
CA VAL E 116 -5.82 9.72 9.76
C VAL E 116 -7.19 9.83 9.13
N LEU E 117 -8.00 8.79 9.29
CA LEU E 117 -9.26 8.63 8.57
C LEU E 117 -10.45 9.00 9.43
N ASP E 118 -11.55 9.38 8.80
CA ASP E 118 -12.70 9.97 9.51
C ASP E 118 -13.28 9.03 10.56
N ASP E 119 -13.26 7.74 10.28
CA ASP E 119 -13.82 6.78 11.19
C ASP E 119 -12.86 6.40 12.32
N GLY E 120 -11.75 7.12 12.44
CA GLY E 120 -10.87 6.83 13.56
C GLY E 120 -9.92 5.69 13.27
N LYS E 121 -9.76 5.36 12.00
CA LYS E 121 -8.78 4.36 11.59
C LYS E 121 -7.58 5.08 11.01
N PHE E 122 -6.47 4.36 10.81
CA PHE E 122 -5.27 5.01 10.33
C PHE E 122 -4.60 4.22 9.22
N SER E 123 -4.01 4.93 8.28
CA SER E 123 -3.26 4.27 7.22
C SER E 123 -1.80 4.35 7.54
N VAL E 124 -1.14 3.20 7.54
CA VAL E 124 0.24 3.11 7.94
C VAL E 124 1.09 2.55 6.83
N PHE E 125 2.11 3.31 6.45
CA PHE E 125 3.07 2.90 5.44
C PHE E 125 4.26 2.26 6.09
N PHE E 126 4.66 1.11 5.56
CA PHE E 126 5.84 0.44 6.03
C PHE E 126 6.97 0.50 5.00
N ARG E 127 8.01 1.27 5.33
CA ARG E 127 9.07 1.63 4.41
C ARG E 127 9.75 0.39 3.89
N SER E 128 9.80 -0.59 4.76
CA SER E 128 10.61 -1.77 4.57
C SER E 128 10.04 -2.74 3.54
N SER E 129 8.75 -3.02 3.63
CA SER E 129 8.11 -3.94 2.70
C SER E 129 7.32 -3.23 1.59
N LYS E 130 7.39 -1.89 1.57
CA LYS E 130 6.58 -1.10 0.64
C LYS E 130 5.08 -1.37 0.76
N GLU E 131 4.60 -1.68 1.96
CA GLU E 131 3.19 -1.96 2.18
C GLU E 131 2.37 -0.76 2.69
N GLN E 132 1.06 -0.81 2.48
CA GLN E 132 0.22 0.28 2.92
C GLN E 132 -1.06 -0.34 3.49
N ILE E 133 -1.20 -0.31 4.81
CA ILE E 133 -2.25 -1.08 5.49
C ILE E 133 -3.06 -0.22 6.46
N ARG E 134 -4.37 -0.39 6.49
CA ARG E 134 -5.17 0.38 7.44
C ARG E 134 -5.36 -0.33 8.79
N PHE E 135 -5.47 0.48 9.85
CA PHE E 135 -5.62 -0.05 11.19
C PHE E 135 -6.61 0.71 12.05
N ARG E 136 -7.13 0.03 13.08
CA ARG E 136 -7.90 0.64 14.16
C ARG E 136 -6.92 1.07 15.25
N LYS E 137 -7.29 2.07 16.06
CA LYS E 137 -6.40 2.55 17.10
C LYS E 137 -5.97 1.42 18.01
N ASP E 138 -6.93 0.58 18.37
CA ASP E 138 -6.69 -0.64 19.14
C ASP E 138 -5.47 -1.44 18.69
N GLU E 139 -5.04 -1.30 17.44
CA GLU E 139 -3.95 -2.14 16.92
C GLU E 139 -2.60 -1.44 16.87
N LEU E 140 -2.58 -0.17 17.24
CA LEU E 140 -1.34 0.56 17.15
C LEU E 140 -0.79 0.88 18.53
N ARG E 141 0.53 0.87 18.67
CA ARG E 141 1.14 1.39 19.88
C ARG E 141 2.16 2.39 19.41
N PHE E 142 2.45 3.38 20.24
CA PHE E 142 3.52 4.32 19.97
C PHE E 142 4.87 3.61 19.87
N HIS E 143 5.65 3.99 18.87
CA HIS E 143 6.97 3.41 18.71
C HIS E 143 7.91 3.99 19.77
N ARG E 144 8.64 3.12 20.43
CA ARG E 144 9.65 3.53 21.39
C ARG E 144 11.00 2.99 21.00
N GLU E 145 12.06 3.64 21.50
CA GLU E 145 13.42 3.19 21.20
C GLU E 145 14.10 2.86 22.51
N TRP E 146 14.90 1.79 22.53
CA TRP E 146 15.60 1.42 23.76
C TRP E 146 17.10 1.64 23.63
N VAL E 147 17.62 2.68 24.24
CA VAL E 147 19.04 2.98 24.09
C VAL E 147 19.79 3.04 25.43
N ASP E 148 20.85 2.25 25.51
CA ASP E 148 21.76 2.19 26.66
C ASP E 148 21.03 2.29 27.98
N GLY E 149 19.97 1.49 28.12
CA GLY E 149 19.25 1.40 29.38
C GLY E 149 18.06 2.35 29.42
N ALA E 150 17.93 3.18 28.40
CA ALA E 150 16.92 4.22 28.44
C ALA E 150 15.84 4.12 27.35
N TRP E 151 14.64 4.50 27.73
CA TRP E 151 13.52 4.60 26.83
C TRP E 151 13.44 6.03 26.33
N LYS E 152 13.62 6.24 25.04
CA LYS E 152 13.52 7.58 24.50
C LYS E 152 12.03 7.99 24.56
N ALA F 1 -1.50 -21.56 14.36
CA ALA F 1 -0.18 -21.43 14.97
C ALA F 1 0.78 -20.69 14.04
N ARG F 2 1.20 -19.51 14.47
CA ARG F 2 2.12 -18.71 13.68
C ARG F 2 3.55 -19.20 13.80
N THR F 3 4.25 -19.27 12.68
CA THR F 3 5.66 -19.66 12.70
C THR F 3 6.44 -18.59 11.95
N LYS F 4 7.76 -18.69 11.97
CA LYS F 4 8.61 -17.77 11.23
C LYS F 4 8.21 -17.76 9.76
N GLN F 5 7.83 -18.93 9.28
CA GLN F 5 7.46 -19.13 7.90
C GLN F 5 6.22 -18.29 7.54
N THR F 6 5.27 -18.21 8.46
CA THR F 6 4.06 -17.43 8.21
C THR F 6 4.03 -16.04 8.86
N ALA F 7 5.15 -15.59 9.39
CA ALA F 7 5.19 -14.27 10.00
C ALA F 7 6.11 -13.37 9.23
N ARG F 8 7.14 -13.96 8.63
CA ARG F 8 8.16 -13.20 7.91
C ARG F 8 7.56 -12.47 6.71
N MLY F 9 8.22 -11.40 6.27
CA MLY F 9 7.73 -10.65 5.13
CB MLY F 9 7.63 -9.17 5.46
CG MLY F 9 6.59 -8.87 6.51
CD MLY F 9 6.31 -7.38 6.62
CE MLY F 9 5.06 -7.09 7.42
NZ MLY F 9 4.70 -5.67 7.31
CH1 MLY F 9 3.45 -5.44 8.04
CH2 MLY F 9 5.79 -4.95 7.99
C MLY F 9 8.59 -10.85 3.88
O MLY F 9 8.30 -10.29 2.82
N SER F 10 9.61 -11.70 4.00
CA SER F 10 10.51 -11.96 2.88
C SER F 10 11.25 -13.28 3.02
N THR F 11 11.44 -13.95 1.88
CA THR F 11 12.14 -15.23 1.82
C THR F 11 11.64 -16.25 2.84
N PRO G 11 11.69 9.57 -16.65
CA PRO G 11 11.14 10.10 -15.40
C PRO G 11 11.22 11.61 -15.37
N SER G 12 10.08 12.28 -15.45
CA SER G 12 10.01 13.73 -15.61
C SER G 12 10.83 14.49 -14.57
N TYR G 13 10.87 14.00 -13.35
CA TYR G 13 11.59 14.73 -12.30
C TYR G 13 13.09 14.52 -12.50
N LEU G 14 13.47 13.34 -12.96
CA LEU G 14 14.87 12.93 -13.06
C LEU G 14 15.61 13.39 -14.34
N LYS G 15 15.12 14.45 -14.98
CA LYS G 15 15.76 14.99 -16.19
C LYS G 15 16.87 15.98 -15.83
N PRO G 16 17.99 15.95 -16.57
CA PRO G 16 19.18 16.80 -16.38
C PRO G 16 18.88 18.29 -16.22
N GLY G 17 19.28 18.86 -15.09
CA GLY G 17 19.03 20.26 -14.80
C GLY G 17 17.96 20.38 -13.73
N SER G 18 17.29 19.27 -13.46
CA SER G 18 16.17 19.26 -12.51
C SER G 18 16.65 19.21 -11.07
N ALA G 19 15.88 19.84 -10.17
CA ALA G 19 16.23 19.87 -8.75
C ALA G 19 15.89 18.52 -8.14
N VAL G 20 16.82 18.00 -7.36
CA VAL G 20 16.73 16.64 -6.84
C VAL G 20 17.21 16.60 -5.37
N GLU G 21 16.68 15.63 -4.62
CA GLU G 21 17.24 15.32 -3.30
C GLU G 21 18.06 14.05 -3.40
N ILE G 22 19.22 14.02 -2.74
CA ILE G 22 20.11 12.88 -2.86
C ILE G 22 20.32 12.08 -1.57
N SER G 23 20.36 10.76 -1.70
CA SER G 23 20.47 9.86 -0.56
C SER G 23 21.62 8.92 -0.76
N SER G 24 22.13 8.36 0.34
CA SER G 24 23.29 7.50 0.32
C SER G 24 23.08 6.17 1.01
N ASP G 25 23.74 5.13 0.50
CA ASP G 25 23.75 3.84 1.18
C ASP G 25 25.04 3.73 1.98
N GLU G 26 25.90 4.73 1.82
CA GLU G 26 27.21 4.73 2.44
C GLU G 26 27.12 5.05 3.93
N ILE G 27 27.91 4.37 4.74
CA ILE G 27 27.85 4.56 6.18
C ILE G 27 28.35 5.95 6.56
N GLY G 28 27.58 6.63 7.41
CA GLY G 28 27.89 7.98 7.80
C GLY G 28 26.98 8.97 7.11
N PHE G 29 26.40 8.56 5.99
CA PHE G 29 25.39 9.40 5.34
C PHE G 29 24.03 8.73 5.25
N ARG G 30 23.86 7.60 5.92
CA ARG G 30 22.58 6.88 5.89
C ARG G 30 21.53 7.64 6.72
N GLY G 31 20.39 7.88 6.10
CA GLY G 31 19.29 8.61 6.70
C GLY G 31 19.40 10.10 6.43
N SER G 32 20.10 10.45 5.37
CA SER G 32 20.23 11.84 4.96
C SER G 32 19.75 12.07 3.52
N TRP G 33 19.08 13.20 3.33
CA TRP G 33 18.80 13.75 2.03
C TRP G 33 19.50 15.07 1.80
N TYR G 34 20.47 15.10 0.87
CA TYR G 34 21.13 16.35 0.48
C TYR G 34 20.60 16.90 -0.85
N MET G 35 20.68 18.22 -1.02
CA MET G 35 20.11 18.86 -2.20
C MET G 35 21.13 18.91 -3.33
N GLY G 36 20.65 18.91 -4.57
CA GLY G 36 21.53 18.83 -5.71
C GLY G 36 20.74 18.87 -6.98
N LYS G 37 21.41 18.77 -8.12
CA LYS G 37 20.72 18.73 -9.40
C LYS G 37 21.34 17.62 -10.26
N VAL G 38 20.54 17.10 -11.19
CA VAL G 38 20.99 16.07 -12.12
C VAL G 38 21.91 16.60 -13.21
N ILE G 39 22.90 15.78 -13.56
CA ILE G 39 23.88 16.08 -14.60
C ILE G 39 23.80 15.08 -15.76
N THR G 40 23.57 13.82 -15.41
CA THR G 40 23.58 12.69 -16.34
C THR G 40 22.57 11.59 -16.00
N SER G 49 22.26 1.60 -19.05
CA SER G 49 22.69 2.37 -17.89
C SER G 49 21.52 2.74 -16.98
N VAL G 50 21.78 2.79 -15.68
CA VAL G 50 20.76 3.02 -14.65
C VAL G 50 21.21 4.11 -13.69
N LYS G 51 22.44 4.55 -13.88
CA LYS G 51 23.15 5.50 -13.01
C LYS G 51 23.12 6.92 -13.53
N CYS G 52 23.26 7.88 -12.64
CA CYS G 52 23.40 9.24 -13.13
C CYS G 52 24.29 10.11 -12.23
N GLN G 53 24.68 11.24 -12.77
CA GLN G 53 25.62 12.09 -12.07
C GLN G 53 24.93 13.34 -11.57
N VAL G 54 25.24 13.69 -10.34
CA VAL G 54 24.56 14.82 -9.74
C VAL G 54 25.56 15.81 -9.17
N GLU G 55 25.08 17.02 -8.98
CA GLU G 55 25.92 18.02 -8.39
C GLU G 55 25.21 18.57 -7.18
N TYR G 56 25.87 18.41 -6.03
CA TYR G 56 25.32 18.85 -4.77
C TYR G 56 25.29 20.37 -4.67
N THR G 57 24.34 20.89 -3.91
CA THR G 57 24.19 22.32 -3.70
C THR G 57 24.92 22.81 -2.47
N THR G 58 25.22 21.91 -1.54
CA THR G 58 25.69 22.34 -0.23
C THR G 58 26.99 21.66 0.12
N LEU G 59 27.36 20.65 -0.64
CA LEU G 59 28.61 19.95 -0.39
C LEU G 59 29.66 20.27 -1.42
N PHE G 60 30.92 20.32 -0.99
CA PHE G 60 32.01 20.61 -1.92
C PHE G 60 33.16 19.64 -1.79
N PHE G 61 33.93 19.52 -2.86
CA PHE G 61 35.17 18.76 -2.81
C PHE G 61 36.08 19.50 -1.85
N ASP G 62 36.16 20.81 -2.03
CA ASP G 62 37.12 21.62 -1.30
C ASP G 62 36.50 22.35 -0.12
N LYS G 63 37.26 22.45 0.97
CA LYS G 63 36.76 23.04 2.21
C LYS G 63 36.45 24.51 2.01
N GLU G 64 36.89 25.03 0.88
CA GLU G 64 36.88 26.46 0.60
C GLU G 64 35.71 26.85 -0.30
N GLY G 65 34.94 25.84 -0.72
CA GLY G 65 33.68 26.07 -1.39
C GLY G 65 33.77 26.52 -2.83
N THR G 66 34.85 26.19 -3.51
CA THR G 66 35.00 26.58 -4.93
C THR G 66 34.44 25.54 -5.90
N LYS G 67 34.32 24.29 -5.45
CA LYS G 67 33.92 23.22 -6.36
C LYS G 67 32.82 22.36 -5.76
N PRO G 68 31.57 22.61 -6.20
CA PRO G 68 30.42 21.80 -5.77
C PRO G 68 30.71 20.32 -5.98
N LEU G 69 30.39 19.52 -4.98
CA LEU G 69 30.59 18.08 -5.05
C LEU G 69 29.74 17.46 -6.14
N LYS G 70 30.35 16.56 -6.92
CA LYS G 70 29.62 15.72 -7.84
C LYS G 70 29.76 14.26 -7.45
N GLU G 71 28.69 13.48 -7.56
CA GLU G 71 28.82 12.03 -7.41
C GLU G 71 27.95 11.35 -8.42
N VAL G 72 28.29 10.11 -8.74
CA VAL G 72 27.46 9.29 -9.62
C VAL G 72 26.71 8.22 -8.82
N VAL G 73 25.40 8.36 -8.78
CA VAL G 73 24.55 7.47 -7.98
C VAL G 73 23.50 6.72 -8.79
N ASP G 74 22.79 5.84 -8.10
CA ASP G 74 21.72 5.07 -8.72
C ASP G 74 20.46 5.91 -8.62
N MET G 75 19.69 5.95 -9.70
CA MET G 75 18.41 6.67 -9.72
C MET G 75 17.56 6.34 -8.48
N SER G 76 17.58 5.08 -8.05
CA SER G 76 17.00 4.67 -6.76
C SER G 76 17.33 5.67 -5.64
N GLN G 77 18.59 6.10 -5.57
CA GLN G 77 19.02 7.04 -4.55
C GLN G 77 18.48 8.47 -4.75
N LEU G 78 17.76 8.74 -5.83
CA LEU G 78 17.24 10.09 -6.06
C LEU G 78 15.75 10.25 -5.84
N ARG G 79 15.28 11.49 -5.74
CA ARG G 79 13.86 11.78 -5.62
C ARG G 79 13.63 13.28 -5.78
N PRO G 80 12.40 13.68 -6.10
CA PRO G 80 12.07 15.08 -6.30
C PRO G 80 12.29 15.89 -5.04
N PRO G 81 12.42 17.21 -5.18
CA PRO G 81 12.41 18.05 -4.00
C PRO G 81 11.15 17.76 -3.20
N ALA G 82 11.28 17.45 -1.92
CA ALA G 82 10.15 17.26 -1.02
C ALA G 82 9.17 18.41 -1.14
N PRO G 83 7.87 18.09 -1.28
CA PRO G 83 6.87 19.13 -1.50
C PRO G 83 6.88 20.13 -0.37
N PRO G 84 6.92 21.42 -0.72
CA PRO G 84 6.96 22.51 0.26
C PRO G 84 5.85 22.41 1.29
N MET G 85 5.99 23.09 2.42
CA MET G 85 4.95 23.04 3.44
C MET G 85 3.77 23.84 2.93
N SER G 86 2.61 23.21 2.82
CA SER G 86 1.43 23.94 2.35
C SER G 86 0.97 24.88 3.46
N GLU G 87 -0.15 25.57 3.23
CA GLU G 87 -0.64 26.58 4.15
C GLU G 87 -0.73 26.08 5.59
N ILE G 88 -1.48 25.00 5.79
CA ILE G 88 -1.79 24.53 7.14
C ILE G 88 -0.65 23.80 7.86
N GLU G 89 0.33 23.27 7.14
CA GLU G 89 1.33 22.40 7.76
C GLU G 89 2.27 23.16 8.66
N LYS G 90 2.57 24.41 8.34
CA LYS G 90 3.52 25.13 9.17
C LYS G 90 2.85 25.51 10.50
N LYS G 91 1.52 25.49 10.50
CA LYS G 91 0.75 25.66 11.75
C LYS G 91 0.56 24.31 12.46
N LYS G 92 0.77 23.22 11.73
CA LYS G 92 0.71 21.87 12.31
C LYS G 92 1.67 21.72 13.46
N LYS G 93 1.18 21.23 14.59
CA LYS G 93 2.02 21.05 15.77
C LYS G 93 2.96 19.88 15.59
N ILE G 94 4.14 19.96 16.19
CA ILE G 94 5.07 18.85 16.20
C ILE G 94 4.92 18.14 17.53
N VAL G 95 4.76 16.82 17.51
CA VAL G 95 4.48 16.07 18.73
C VAL G 95 5.50 14.95 18.98
N VAL G 96 5.52 14.42 20.20
CA VAL G 96 6.47 13.35 20.51
C VAL G 96 6.18 12.08 19.73
N GLY G 97 7.22 11.51 19.13
CA GLY G 97 7.09 10.27 18.38
C GLY G 97 6.96 10.60 16.91
N GLU G 98 6.91 11.88 16.61
CA GLU G 98 6.75 12.28 15.22
C GLU G 98 8.06 12.14 14.45
N GLU G 99 7.95 11.76 13.19
CA GLU G 99 9.10 11.58 12.33
C GLU G 99 9.41 12.84 11.55
N VAL G 100 10.63 13.34 11.70
CA VAL G 100 11.02 14.60 11.06
C VAL G 100 12.39 14.51 10.40
N ASP G 101 12.69 15.48 9.56
CA ASP G 101 14.06 15.69 9.13
C ASP G 101 14.50 16.97 9.80
N ALA G 102 15.73 16.98 10.28
CA ALA G 102 16.33 18.20 10.77
C ALA G 102 17.42 18.66 9.82
N PHE G 103 17.49 19.96 9.56
CA PHE G 103 18.58 20.48 8.74
C PHE G 103 19.84 20.62 9.59
N TYR G 104 20.78 19.73 9.34
CA TYR G 104 21.97 19.60 10.15
C TYR G 104 23.13 19.24 9.23
N ASN G 105 24.31 19.81 9.46
CA ASN G 105 25.43 19.61 8.56
C ASN G 105 25.06 19.93 7.11
N ASP G 106 24.12 20.85 6.93
CA ASP G 106 23.77 21.36 5.62
C ASP G 106 22.94 20.38 4.79
N GLY G 107 22.26 19.45 5.46
CA GLY G 107 21.39 18.52 4.77
C GLY G 107 20.25 18.04 5.64
N TRP G 108 19.37 17.20 5.10
CA TRP G 108 18.21 16.82 5.89
C TRP G 108 18.38 15.44 6.47
N TRP G 109 18.21 15.35 7.78
CA TRP G 109 18.44 14.10 8.47
C TRP G 109 17.20 13.65 9.23
N GLU G 110 16.89 12.37 9.07
CA GLU G 110 15.72 11.79 9.67
C GLU G 110 15.95 11.33 11.10
N GLY G 111 15.06 11.76 11.99
CA GLY G 111 15.11 11.30 13.36
C GLY G 111 13.73 11.32 13.97
N ASP G 112 13.63 10.93 15.23
CA ASP G 112 12.36 10.94 15.91
C ASP G 112 12.37 11.95 17.04
N VAL G 113 11.30 12.73 17.12
CA VAL G 113 11.10 13.69 18.19
C VAL G 113 10.84 13.01 19.54
N THR G 114 11.69 13.27 20.53
CA THR G 114 11.55 12.66 21.86
C THR G 114 10.97 13.63 22.88
N GLU G 115 11.25 14.91 22.69
CA GLU G 115 10.81 15.92 23.62
C GLU G 115 10.31 17.14 22.88
N VAL G 116 9.21 17.72 23.33
CA VAL G 116 8.75 18.99 22.80
C VAL G 116 8.92 20.01 23.93
N LEU G 117 9.72 21.04 23.68
CA LEU G 117 10.17 21.95 24.74
C LEU G 117 9.43 23.28 24.79
N ASP G 118 9.48 23.90 25.96
CA ASP G 118 8.67 25.08 26.28
C ASP G 118 8.90 26.23 25.30
N ASP G 119 10.15 26.38 24.87
CA ASP G 119 10.54 27.49 24.02
C ASP G 119 10.26 27.28 22.53
N GLY G 120 9.49 26.25 22.20
CA GLY G 120 9.08 26.02 20.83
C GLY G 120 10.16 25.27 20.08
N LYS G 121 11.10 24.73 20.84
CA LYS G 121 12.18 23.94 20.31
C LYS G 121 11.84 22.46 20.54
N PHE G 122 12.60 21.57 19.92
CA PHE G 122 12.30 20.15 20.03
C PHE G 122 13.58 19.38 20.25
N SER G 123 13.49 18.28 20.97
CA SER G 123 14.65 17.42 21.13
C SER G 123 14.48 16.22 20.20
N VAL G 124 15.48 15.97 19.37
CA VAL G 124 15.35 14.98 18.33
C VAL G 124 16.45 13.92 18.40
N PHE G 125 16.03 12.66 18.46
CA PHE G 125 16.92 11.52 18.53
C PHE G 125 17.27 10.93 17.17
N PHE G 126 18.56 10.67 16.96
CA PHE G 126 19.03 10.01 15.76
C PHE G 126 19.60 8.63 16.11
N ARG G 127 18.94 7.57 15.66
CA ARG G 127 19.22 6.21 16.16
C ARG G 127 20.60 5.69 15.77
N SER G 128 21.03 6.09 14.57
CA SER G 128 22.25 5.56 13.95
C SER G 128 23.50 6.12 14.62
N SER G 129 23.46 7.41 14.94
CA SER G 129 24.59 8.04 15.60
C SER G 129 24.40 8.13 17.12
N LYS G 130 23.28 7.62 17.62
CA LYS G 130 22.94 7.75 19.05
C LYS G 130 23.02 9.17 19.54
N GLU G 131 22.73 10.13 18.67
CA GLU G 131 22.81 11.53 19.03
C GLU G 131 21.44 12.03 19.45
N GLN G 132 21.44 13.09 20.25
CA GLN G 132 20.22 13.69 20.80
C GLN G 132 20.36 15.19 20.76
N ILE G 133 19.65 15.81 19.82
CA ILE G 133 19.91 17.19 19.48
C ILE G 133 18.62 18.02 19.47
N ARG G 134 18.72 19.25 19.96
CA ARG G 134 17.59 20.16 20.02
C ARG G 134 17.56 21.04 18.79
N PHE G 135 16.36 21.36 18.32
CA PHE G 135 16.21 22.15 17.11
C PHE G 135 15.04 23.11 17.24
N ARG G 136 15.06 24.18 16.44
CA ARG G 136 13.92 25.05 16.29
C ARG G 136 12.96 24.47 15.20
N LYS G 137 11.69 24.83 15.23
CA LYS G 137 10.73 24.36 14.22
C LYS G 137 11.29 24.75 12.84
N ASP G 138 11.77 25.97 12.79
CA ASP G 138 12.49 26.58 11.68
C ASP G 138 13.56 25.67 11.03
N GLU G 139 14.06 24.68 11.76
CA GLU G 139 15.09 23.76 11.25
C GLU G 139 14.58 22.33 10.92
N LEU G 140 13.29 22.09 11.16
CA LEU G 140 12.69 20.77 10.95
C LEU G 140 11.67 20.79 9.82
N ARG G 141 11.61 19.71 9.05
CA ARG G 141 10.52 19.51 8.07
C ARG G 141 9.86 18.15 8.34
N PHE G 142 8.59 18.00 7.97
CA PHE G 142 7.93 16.70 8.08
C PHE G 142 8.63 15.69 7.18
N HIS G 143 8.85 14.48 7.69
CA HIS G 143 9.50 13.48 6.89
C HIS G 143 8.54 12.96 5.84
N ARG G 144 8.99 12.92 4.60
CA ARG G 144 8.15 12.35 3.56
C ARG G 144 8.88 11.17 2.94
N GLU G 145 8.10 10.27 2.35
CA GLU G 145 8.70 9.12 1.69
C GLU G 145 8.26 9.17 0.24
N TRP G 146 9.16 8.78 -0.65
CA TRP G 146 8.88 8.81 -2.08
C TRP G 146 8.83 7.37 -2.56
N VAL G 147 7.66 6.87 -2.88
CA VAL G 147 7.55 5.47 -3.28
C VAL G 147 7.00 5.32 -4.68
N ASP G 148 7.81 4.70 -5.55
CA ASP G 148 7.44 4.40 -6.93
C ASP G 148 6.58 5.51 -7.54
N GLY G 149 7.06 6.75 -7.47
CA GLY G 149 6.39 7.86 -8.11
C GLY G 149 5.48 8.64 -7.18
N ALA G 150 5.30 8.13 -5.98
CA ALA G 150 4.31 8.68 -5.05
C ALA G 150 4.97 9.17 -3.77
N TRP G 151 4.39 10.21 -3.17
CA TRP G 151 4.87 10.71 -1.88
C TRP G 151 4.16 10.06 -0.69
N LYS G 152 4.93 9.37 0.15
CA LYS G 152 4.41 8.73 1.37
C LYS G 152 3.50 7.53 1.15
N ALA H 1 32.10 25.29 1.95
CA ALA H 1 32.86 25.04 3.17
C ALA H 1 32.60 23.65 3.71
N ARG H 2 31.36 23.19 3.54
CA ARG H 2 30.97 21.86 3.97
C ARG H 2 31.37 20.80 2.95
N THR H 3 32.00 19.73 3.43
CA THR H 3 32.46 18.64 2.59
C THR H 3 31.97 17.32 3.13
N LYS H 4 32.20 16.24 2.39
CA LYS H 4 31.80 14.91 2.86
C LYS H 4 32.49 14.59 4.18
N GLN H 5 33.74 15.00 4.29
CA GLN H 5 34.53 14.73 5.50
C GLN H 5 33.94 15.47 6.72
N THR H 6 33.43 16.68 6.51
CA THR H 6 32.85 17.48 7.58
C THR H 6 31.32 17.46 7.61
N ALA H 7 30.73 16.53 6.88
CA ALA H 7 29.29 16.36 6.91
C ALA H 7 28.95 15.00 7.48
N ARG H 8 29.85 14.03 7.24
CA ARG H 8 29.64 12.64 7.63
C ARG H 8 29.44 12.42 9.14
N MLY H 9 28.55 11.48 9.47
CA MLY H 9 28.22 11.17 10.86
CB MLY H 9 26.70 11.04 11.01
CG MLY H 9 25.95 12.32 10.81
CD MLY H 9 24.76 12.35 11.73
CE MLY H 9 24.04 13.68 11.66
NZ MLY H 9 22.96 13.75 12.66
CH1 MLY H 9 22.15 14.92 12.29
CH2 MLY H 9 22.12 12.58 12.41
C MLY H 9 28.84 9.87 11.31
O MLY H 9 28.87 8.89 10.57
N SER H 10 29.32 9.85 12.55
CA SER H 10 29.92 8.64 13.08
C SER H 10 28.85 7.67 13.64
N THR H 11 29.04 6.37 13.41
CA THR H 11 28.10 5.34 13.87
C THR H 11 28.76 4.27 14.74
N NH4 I . -17.36 9.08 -21.01
HN1 NH4 I . -16.84 8.95 -21.83
HN2 NH4 I . -18.32 9.03 -21.21
HN3 NH4 I . -17.13 8.37 -20.37
HN4 NH4 I . -17.16 9.95 -20.62
N NH4 J . -20.54 -8.74 6.18
HN1 NH4 J . -20.08 -8.82 5.32
HN2 NH4 J . -21.51 -8.75 6.04
HN3 NH4 J . -20.28 -9.50 6.75
HN4 NH4 J . -20.28 -7.91 6.61
N NH4 K . 11.67 -13.04 15.08
HN1 NH4 K . 12.20 -13.83 14.83
HN2 NH4 K . 10.72 -13.27 15.04
HN3 NH4 K . 11.90 -12.76 15.99
HN4 NH4 K . 11.86 -12.30 14.46
N NH4 L . 25.81 12.30 0.28
HN1 NH4 L . 26.73 12.23 -0.06
HN2 NH4 L . 25.18 12.22 -0.46
HN3 NH4 L . 25.66 11.56 0.92
HN4 NH4 L . 25.69 13.15 0.74
#